data_5YN8
#
_entry.id   5YN8
#
_cell.length_a   66.399
_cell.length_b   70.233
_cell.length_c   119.203
_cell.angle_alpha   90.00
_cell.angle_beta   90.00
_cell.angle_gamma   90.00
#
_symmetry.space_group_name_H-M   'P 21 2 21'
#
loop_
_entity.id
_entity.type
_entity.pdbx_description
1 polymer 'nsp16 protein'
2 polymer 'nsp10 protein'
3 non-polymer S-ADENOSYL-L-HOMOCYSTEINE
4 non-polymer 'ZINC ION'
5 water water
#
loop_
_entity_poly.entity_id
_entity_poly.type
_entity_poly.pdbx_seq_one_letter_code
_entity_poly.pdbx_strand_id
1 'polypeptide(L)'
;ASADWKPGHAMPSLFKVQNVNLERCELANYKQSIPMPRGVHMNIAKYMQLCQYLNTCTLAVPANMRVIHFGAGSDKGIAP
GTSVLRQWLPTDAIIIDNDLNEFVSDADITLFGDCVTVRVGQQVDLVISDMYDPTTKNVTGSNESKALFFTYLCNLINNN
LALGGSVAIKITEHSWSVELYELMGKFAWWTVFCTNANASSSEGFLLGINYLGTIKENIDGGAMHANYIFWRNSTPMNLS
TYSLFDLSKFQLKLKGTPVLQLKESQINELVISLLSQGKLLIRDNDTLSVSTDVLVNTYRKLR
;
A
2 'polypeptide(L)'
;AGSNTEFASNSSVLSLVNFTVDPQKAYLDFVNAGGAPLTNCVKMLTPKTGTGIAISVKPESTADQETYGGASVCLYCRAH
IEHPDVSGVCKYKGKFVQIPAQCVRDPVGFCLSNTPCNVCQYWIGYGCNCDSLRQAALPQ
;
B
#
# COMPACT_ATOMS: atom_id res chain seq x y z
N SER A 2 24.59 -1.40 9.38
CA SER A 2 23.57 -0.37 9.50
C SER A 2 22.56 -0.48 8.39
N ALA A 3 23.07 -0.62 7.16
CA ALA A 3 22.17 -0.56 6.01
C ALA A 3 21.10 -1.63 6.06
N ASP A 4 21.40 -2.79 6.65
CA ASP A 4 20.40 -3.85 6.66
C ASP A 4 19.34 -3.63 7.73
N TRP A 5 19.57 -2.71 8.66
CA TRP A 5 18.53 -2.30 9.59
C TRP A 5 17.69 -1.16 9.04
N LYS A 6 18.16 -0.48 7.99
CA LYS A 6 17.33 0.49 7.29
C LYS A 6 16.29 -0.26 6.45
N PRO A 7 15.20 0.43 6.09
CA PRO A 7 14.16 -0.25 5.28
C PRO A 7 14.58 -0.52 3.83
N GLY A 8 15.61 0.16 3.34
CA GLY A 8 16.02 -0.01 1.96
C GLY A 8 17.03 1.05 1.60
N HIS A 9 17.25 1.22 0.29
CA HIS A 9 18.25 2.14 -0.22
C HIS A 9 17.59 3.18 -1.10
N ALA A 10 18.05 4.43 -0.99
CA ALA A 10 17.54 5.52 -1.82
C ALA A 10 18.64 6.04 -2.74
N MET A 11 18.29 6.25 -4.00
CA MET A 11 19.21 6.74 -5.00
C MET A 11 19.84 8.07 -4.54
N PRO A 12 21.16 8.14 -4.47
CA PRO A 12 21.79 9.40 -4.01
C PRO A 12 22.06 10.31 -5.18
N SER A 13 22.24 11.60 -4.85
CA SER A 13 22.51 12.55 -5.94
C SER A 13 23.81 12.19 -6.64
N LEU A 14 24.72 11.48 -5.96
CA LEU A 14 25.92 10.97 -6.61
C LEU A 14 25.59 10.28 -7.92
N PHE A 15 24.50 9.51 -7.97
CA PHE A 15 24.18 8.85 -9.21
C PHE A 15 23.19 9.64 -10.07
N LYS A 16 22.41 10.52 -9.46
CA LYS A 16 21.50 11.37 -10.22
C LYS A 16 22.22 12.25 -11.21
N VAL A 17 23.43 12.72 -10.89
CA VAL A 17 24.18 13.65 -11.74
C VAL A 17 25.15 12.96 -12.69
N GLN A 18 25.04 11.64 -12.85
CA GLN A 18 25.94 11.00 -13.80
C GLN A 18 25.42 11.18 -15.22
N ASN A 19 26.27 10.83 -16.20
CA ASN A 19 25.87 10.83 -17.61
C ASN A 19 26.49 9.58 -18.24
N VAL A 20 25.67 8.55 -18.41
CA VAL A 20 26.14 7.26 -18.88
C VAL A 20 25.09 6.70 -19.83
N ASN A 21 25.51 5.73 -20.64
CA ASN A 21 24.55 5.01 -21.47
C ASN A 21 23.75 4.04 -20.60
N LEU A 22 22.59 3.63 -21.11
CA LEU A 22 21.77 2.67 -20.40
C LEU A 22 22.36 1.27 -20.59
N GLU A 23 22.67 0.60 -19.49
CA GLU A 23 23.22 -0.74 -19.58
C GLU A 23 22.20 -1.75 -19.05
N ARG A 24 22.52 -3.03 -19.26
CA ARG A 24 21.77 -4.09 -18.62
C ARG A 24 21.97 -4.03 -17.12
N CYS A 25 20.92 -4.36 -16.38
CA CYS A 25 20.97 -4.43 -14.93
C CYS A 25 21.49 -5.81 -14.54
N GLU A 26 22.63 -5.84 -13.82
CA GLU A 26 23.24 -7.09 -13.37
C GLU A 26 23.34 -7.07 -11.86
N LEU A 27 22.42 -7.73 -11.17
CA LEU A 27 22.46 -7.84 -9.71
C LEU A 27 22.96 -9.22 -9.33
N ALA A 28 23.89 -9.27 -8.37
CA ALA A 28 24.49 -10.54 -7.97
C ALA A 28 23.56 -11.38 -7.12
N ASN A 29 22.64 -10.77 -6.38
CA ASN A 29 21.86 -11.47 -5.36
C ASN A 29 20.64 -12.22 -5.93
N ILE A 34 14.56 -14.39 -0.44
CA ILE A 34 14.24 -13.77 0.84
C ILE A 34 13.07 -14.48 1.50
N PRO A 35 13.24 -14.88 2.77
CA PRO A 35 12.21 -15.67 3.44
C PRO A 35 11.34 -14.82 4.36
N MET A 36 10.08 -15.23 4.52
CA MET A 36 9.15 -14.56 5.40
C MET A 36 8.88 -15.43 6.63
N PRO A 37 8.62 -14.82 7.79
CA PRO A 37 8.27 -15.54 9.03
C PRO A 37 7.23 -16.63 8.82
N GLY A 39 3.41 -17.82 7.11
CA GLY A 39 2.13 -17.30 6.64
C GLY A 39 2.09 -15.80 6.28
N VAL A 40 3.24 -15.13 6.19
CA VAL A 40 3.28 -13.70 5.87
C VAL A 40 3.73 -13.51 4.43
N HIS A 41 2.89 -12.88 3.62
CA HIS A 41 3.23 -12.65 2.22
C HIS A 41 4.43 -11.71 2.11
N MET A 42 5.30 -11.95 1.12
CA MET A 42 6.47 -11.10 0.92
C MET A 42 6.07 -9.63 0.77
N ASN A 43 4.97 -9.37 0.06
CA ASN A 43 4.56 -8.00 -0.14
C ASN A 43 4.17 -7.30 1.15
N ILE A 44 3.95 -8.05 2.24
CA ILE A 44 3.85 -7.37 3.53
C ILE A 44 5.15 -6.64 3.83
N ALA A 45 6.28 -7.33 3.71
CA ALA A 45 7.56 -6.70 4.05
C ALA A 45 7.89 -5.58 3.06
N LYS A 46 7.58 -5.77 1.78
CA LYS A 46 7.94 -4.78 0.77
C LYS A 46 7.21 -3.47 1.02
N TYR A 47 5.90 -3.55 1.27
CA TYR A 47 5.12 -2.35 1.57
C TYR A 47 5.51 -1.75 2.91
N MET A 48 5.74 -2.58 3.94
CA MET A 48 6.08 -1.98 5.22
C MET A 48 7.37 -1.19 5.11
N GLN A 49 8.35 -1.70 4.37
CA GLN A 49 9.61 -0.97 4.21
C GLN A 49 9.42 0.29 3.36
N LEU A 50 8.53 0.26 2.37
CA LEU A 50 8.21 1.49 1.64
C LEU A 50 7.59 2.52 2.58
N CYS A 51 6.62 2.09 3.41
CA CYS A 51 6.03 2.99 4.40
C CYS A 51 7.08 3.49 5.39
N GLN A 52 7.97 2.61 5.84
CA GLN A 52 9.01 3.05 6.76
C GLN A 52 9.87 4.15 6.15
N TYR A 53 10.23 4.02 4.88
CA TYR A 53 11.03 5.07 4.26
C TYR A 53 10.23 6.35 4.14
N LEU A 54 8.94 6.24 3.80
CA LEU A 54 8.11 7.44 3.69
C LEU A 54 7.91 8.12 5.03
N ASN A 55 8.02 7.37 6.14
CA ASN A 55 8.01 7.98 7.47
C ASN A 55 9.17 8.95 7.65
N THR A 56 10.25 8.80 6.90
CA THR A 56 11.35 9.75 7.02
C THR A 56 11.24 10.89 6.03
N CYS A 57 10.25 10.87 5.13
CA CYS A 57 10.04 11.96 4.20
C CYS A 57 9.01 12.93 4.76
N THR A 58 8.96 14.14 4.18
CA THR A 58 8.03 15.17 4.68
C THR A 58 6.67 15.03 4.01
N LEU A 59 6.03 13.89 4.22
CA LEU A 59 4.70 13.70 3.65
C LEU A 59 3.69 14.60 4.31
N ALA A 60 2.80 15.18 3.49
CA ALA A 60 1.60 15.81 4.01
C ALA A 60 0.64 14.75 4.53
N VAL A 61 0.18 14.92 5.77
CA VAL A 61 -0.72 13.96 6.39
C VAL A 61 -1.93 14.70 6.95
N PRO A 62 -2.93 15.02 6.13
CA PRO A 62 -4.11 15.73 6.62
C PRO A 62 -5.11 14.77 7.26
N ALA A 63 -6.14 15.36 7.86
CA ALA A 63 -7.34 14.58 8.14
C ALA A 63 -8.01 14.18 6.83
N ASN A 64 -8.80 13.10 6.88
CA ASN A 64 -9.48 12.58 5.69
C ASN A 64 -8.51 12.43 4.52
N MET A 65 -7.29 11.97 4.82
CA MET A 65 -6.24 11.88 3.81
C MET A 65 -6.68 10.99 2.64
N ARG A 66 -6.40 11.47 1.41
CA ARG A 66 -6.89 10.83 0.20
C ARG A 66 -5.77 10.03 -0.46
N VAL A 67 -5.89 8.71 -0.43
CA VAL A 67 -4.84 7.81 -0.88
C VAL A 67 -5.38 6.90 -1.97
N ILE A 68 -4.70 6.81 -3.11
CA ILE A 68 -5.11 5.85 -4.12
C ILE A 68 -3.98 4.88 -4.40
N HIS A 69 -4.32 3.59 -4.49
CA HIS A 69 -3.36 2.48 -4.56
C HIS A 69 -3.67 1.64 -5.80
N PHE A 70 -2.83 1.79 -6.82
CA PHE A 70 -3.01 1.09 -8.09
C PHE A 70 -2.19 -0.18 -8.12
N GLY A 71 -2.71 -1.20 -8.81
CA GLY A 71 -2.07 -2.49 -8.85
C GLY A 71 -2.07 -3.15 -7.49
N ALA A 72 -3.23 -3.09 -6.78
CA ALA A 72 -3.33 -3.59 -5.42
C ALA A 72 -3.63 -5.09 -5.34
N GLY A 73 -4.03 -5.69 -6.44
CA GLY A 73 -4.48 -7.08 -6.40
C GLY A 73 -3.34 -8.05 -6.66
N SER A 74 -3.53 -9.27 -6.18
CA SER A 74 -2.58 -10.35 -6.40
C SER A 74 -3.31 -11.52 -7.03
N ASP A 75 -2.55 -12.49 -7.55
CA ASP A 75 -3.17 -13.67 -8.17
C ASP A 75 -3.95 -14.51 -7.16
N LYS A 76 -3.73 -14.29 -5.87
CA LYS A 76 -4.43 -14.94 -4.79
C LYS A 76 -5.76 -14.27 -4.45
N GLY A 77 -6.11 -13.19 -5.13
CA GLY A 77 -7.35 -12.47 -4.86
C GLY A 77 -7.36 -11.65 -3.59
N ILE A 78 -6.19 -11.38 -3.00
CA ILE A 78 -6.07 -10.56 -1.80
C ILE A 78 -5.17 -9.37 -2.13
N ALA A 79 -5.04 -8.44 -1.17
CA ALA A 79 -4.28 -7.19 -1.37
C ALA A 79 -3.45 -6.91 -0.12
N PRO A 80 -2.36 -7.65 0.07
CA PRO A 80 -1.55 -7.42 1.26
C PRO A 80 -1.08 -5.97 1.39
N GLY A 81 -0.63 -5.36 0.29
CA GLY A 81 -0.19 -3.96 0.34
C GLY A 81 -1.25 -3.03 0.90
N THR A 82 -2.49 -3.18 0.45
CA THR A 82 -3.58 -2.34 0.96
C THR A 82 -3.76 -2.52 2.47
N SER A 83 -3.64 -3.75 2.96
CA SER A 83 -3.78 -3.92 4.40
C SER A 83 -2.61 -3.24 5.13
N VAL A 84 -1.42 -3.28 4.53
CA VAL A 84 -0.29 -2.55 5.13
C VAL A 84 -0.58 -1.05 5.17
N LEU A 85 -1.13 -0.52 4.07
CA LEU A 85 -1.51 0.90 4.06
C LEU A 85 -2.55 1.19 5.13
N ARG A 86 -3.49 0.28 5.35
CA ARG A 86 -4.47 0.46 6.42
C ARG A 86 -3.80 0.46 7.79
N GLN A 87 -2.81 -0.40 7.96
CA GLN A 87 -2.08 -0.41 9.23
C GLN A 87 -1.26 0.86 9.42
N TRP A 88 -0.76 1.44 8.33
CA TRP A 88 0.17 2.56 8.39
C TRP A 88 -0.54 3.91 8.52
N LEU A 89 -1.58 4.12 7.72
CA LEU A 89 -2.21 5.42 7.56
C LEU A 89 -3.07 5.80 8.76
N PRO A 90 -3.39 7.09 8.91
CA PRO A 90 -4.38 7.48 9.93
C PRO A 90 -5.68 6.73 9.77
N THR A 91 -6.39 6.56 10.88
CA THR A 91 -7.63 5.79 10.83
C THR A 91 -8.67 6.43 9.91
N ASP A 92 -8.70 7.77 9.84
CA ASP A 92 -9.67 8.45 8.99
C ASP A 92 -9.17 8.65 7.56
N ALA A 93 -8.02 8.06 7.19
CA ALA A 93 -7.60 8.12 5.79
C ALA A 93 -8.56 7.32 4.90
N ILE A 94 -8.76 7.80 3.68
CA ILE A 94 -9.60 7.15 2.69
C ILE A 94 -8.67 6.42 1.73
N ILE A 95 -8.83 5.10 1.61
CA ILE A 95 -8.03 4.32 0.67
C ILE A 95 -8.93 3.85 -0.46
N ILE A 96 -8.53 4.19 -1.68
CA ILE A 96 -9.11 3.64 -2.90
C ILE A 96 -8.06 2.75 -3.54
N ASP A 97 -8.43 1.52 -3.88
CA ASP A 97 -7.47 0.68 -4.58
C ASP A 97 -8.09 0.09 -5.83
N ASN A 98 -7.21 -0.45 -6.68
CA ASN A 98 -7.58 -0.78 -8.04
C ASN A 98 -6.63 -1.87 -8.54
N ASP A 99 -7.17 -2.72 -9.42
CA ASP A 99 -6.37 -3.68 -10.17
C ASP A 99 -7.17 -4.17 -11.36
N LEU A 100 -6.48 -4.64 -12.39
CA LEU A 100 -7.19 -5.26 -13.51
C LEU A 100 -8.00 -6.47 -13.08
N ASN A 101 -7.52 -7.20 -12.08
CA ASN A 101 -8.13 -8.47 -11.71
C ASN A 101 -8.91 -8.34 -10.40
N GLU A 102 -9.89 -9.22 -10.25
CA GLU A 102 -10.76 -9.20 -9.08
C GLU A 102 -9.96 -9.53 -7.82
N PHE A 103 -10.30 -8.89 -6.71
CA PHE A 103 -9.65 -9.15 -5.43
C PHE A 103 -10.53 -8.55 -4.34
N VAL A 104 -10.18 -8.83 -3.09
CA VAL A 104 -10.85 -8.19 -1.98
C VAL A 104 -9.82 -7.65 -1.00
N SER A 105 -10.16 -6.52 -0.39
CA SER A 105 -9.16 -5.72 0.30
C SER A 105 -9.84 -4.93 1.39
N ASP A 106 -9.02 -4.36 2.27
CA ASP A 106 -9.50 -3.50 3.33
C ASP A 106 -9.56 -2.04 2.91
N ALA A 107 -9.58 -1.78 1.61
CA ALA A 107 -9.75 -0.42 1.12
C ALA A 107 -11.16 0.07 1.47
N ASP A 108 -11.31 1.38 1.49
CA ASP A 108 -12.65 1.98 1.55
C ASP A 108 -13.41 1.74 0.25
N ILE A 109 -12.76 1.98 -0.89
CA ILE A 109 -13.36 1.81 -2.21
C ILE A 109 -12.44 0.93 -3.05
N THR A 110 -12.99 -0.10 -3.69
CA THR A 110 -12.20 -0.97 -4.54
C THR A 110 -12.79 -1.01 -5.94
N LEU A 111 -11.96 -0.74 -6.95
CA LEU A 111 -12.39 -0.61 -8.35
C LEU A 111 -11.65 -1.62 -9.22
N PHE A 112 -12.38 -2.47 -9.92
CA PHE A 112 -11.77 -3.46 -10.80
C PHE A 112 -11.63 -2.91 -12.21
N GLY A 113 -10.60 -3.39 -12.92
CA GLY A 113 -10.37 -3.04 -14.30
C GLY A 113 -9.14 -2.15 -14.46
N ASP A 114 -8.85 -1.83 -15.72
CA ASP A 114 -7.71 -1.01 -16.07
C ASP A 114 -7.71 0.28 -15.27
N CYS A 115 -6.53 0.71 -14.81
CA CYS A 115 -6.47 1.96 -14.03
C CYS A 115 -7.04 3.13 -14.83
N VAL A 116 -6.99 3.07 -16.16
CA VAL A 116 -7.55 4.13 -16.99
C VAL A 116 -9.07 4.25 -16.80
N THR A 117 -9.73 3.21 -16.31
CA THR A 117 -11.15 3.36 -16.00
C THR A 117 -11.39 4.07 -14.68
N VAL A 118 -10.34 4.37 -13.91
CA VAL A 118 -10.51 5.02 -12.61
C VAL A 118 -10.57 6.54 -12.82
N ARG A 119 -11.73 7.14 -12.55
CA ARG A 119 -11.93 8.57 -12.67
C ARG A 119 -11.81 9.18 -11.29
N VAL A 120 -10.76 9.96 -11.09
CA VAL A 120 -10.59 10.74 -9.88
C VAL A 120 -11.22 12.10 -10.14
N GLY A 121 -12.34 12.37 -9.46
CA GLY A 121 -13.01 13.64 -9.65
C GLY A 121 -12.30 14.79 -8.97
N GLN A 122 -11.69 14.53 -7.82
CA GLN A 122 -11.00 15.54 -7.01
C GLN A 122 -9.53 15.16 -6.87
N GLN A 123 -8.72 16.06 -6.31
CA GLN A 123 -7.30 15.78 -6.18
C GLN A 123 -7.01 14.96 -4.94
N VAL A 124 -5.96 14.12 -5.03
CA VAL A 124 -5.61 13.22 -3.95
C VAL A 124 -4.29 13.66 -3.34
N ASP A 125 -3.95 13.03 -2.22
CA ASP A 125 -2.80 13.43 -1.43
C ASP A 125 -1.63 12.48 -1.54
N LEU A 126 -1.89 11.21 -1.88
CA LEU A 126 -0.86 10.20 -1.95
C LEU A 126 -1.27 9.17 -2.99
N VAL A 127 -0.37 8.85 -3.90
CA VAL A 127 -0.58 7.82 -4.90
C VAL A 127 0.48 6.78 -4.70
N ILE A 128 0.06 5.54 -4.50
CA ILE A 128 0.94 4.38 -4.46
C ILE A 128 0.60 3.54 -5.69
N SER A 129 1.61 3.17 -6.47
CA SER A 129 1.37 2.28 -7.60
C SER A 129 2.34 1.12 -7.54
N ASP A 130 1.80 -0.10 -7.57
CA ASP A 130 2.59 -1.32 -7.73
C ASP A 130 2.28 -1.97 -9.07
N MET A 131 1.74 -1.20 -10.01
CA MET A 131 1.31 -1.76 -11.29
C MET A 131 2.52 -2.24 -12.07
N TYR A 132 2.35 -3.39 -12.73
CA TYR A 132 3.42 -4.00 -13.50
C TYR A 132 2.79 -4.94 -14.52
N ASP A 133 3.19 -4.80 -15.78
CA ASP A 133 2.66 -5.62 -16.87
C ASP A 133 3.53 -6.86 -17.05
N PRO A 134 2.96 -8.07 -16.97
CA PRO A 134 3.79 -9.28 -17.11
C PRO A 134 4.62 -9.31 -18.38
N THR A 135 4.12 -8.72 -19.46
CA THR A 135 4.82 -8.71 -20.75
C THR A 135 5.75 -7.49 -20.89
N SER A 142 16.19 -4.45 -26.42
CA SER A 142 15.99 -3.02 -26.68
C SER A 142 15.04 -2.39 -25.65
N ASN A 143 15.63 -1.76 -24.63
CA ASN A 143 14.89 -1.27 -23.47
C ASN A 143 14.56 0.21 -23.67
N GLU A 144 13.39 0.47 -24.22
CA GLU A 144 12.93 1.82 -24.47
C GLU A 144 11.87 2.22 -23.44
N SER A 145 11.66 3.52 -23.32
CA SER A 145 10.62 4.06 -22.43
C SER A 145 9.29 3.41 -22.74
N LYS A 146 8.58 3.01 -21.71
CA LYS A 146 7.31 2.32 -21.87
C LYS A 146 6.17 3.31 -21.68
N ALA A 147 5.04 3.01 -22.34
CA ALA A 147 3.80 3.78 -22.22
C ALA A 147 2.88 3.15 -21.17
N LEU A 148 2.02 2.25 -21.59
CA LEU A 148 1.22 1.41 -20.67
C LEU A 148 0.44 2.31 -19.71
N PHE A 149 0.35 1.95 -18.42
CA PHE A 149 -0.33 2.76 -17.42
C PHE A 149 0.44 4.03 -17.06
N PHE A 150 1.67 4.19 -17.55
CA PHE A 150 2.45 5.36 -17.16
C PHE A 150 1.83 6.64 -17.74
N THR A 151 1.25 6.55 -18.95
CA THR A 151 0.55 7.72 -19.50
C THR A 151 -0.55 8.19 -18.56
N TYR A 152 -1.33 7.26 -18.05
CA TYR A 152 -2.38 7.58 -17.08
C TYR A 152 -1.79 8.20 -15.80
N LEU A 153 -0.70 7.60 -15.29
CA LEU A 153 -0.14 8.10 -14.04
C LEU A 153 0.44 9.51 -14.21
N CYS A 154 1.09 9.76 -15.35
CA CYS A 154 1.65 11.08 -15.57
C CYS A 154 0.56 12.13 -15.65
N ASN A 155 -0.55 11.82 -16.32
CA ASN A 155 -1.65 12.76 -16.39
C ASN A 155 -2.27 12.97 -15.00
N LEU A 156 -2.29 11.92 -14.19
CA LEU A 156 -2.83 12.06 -12.85
C LEU A 156 -2.00 13.07 -12.05
N ILE A 157 -0.68 12.94 -12.12
CA ILE A 157 0.20 13.85 -11.39
C ILE A 157 -0.06 15.29 -11.86
N ASN A 158 -0.26 15.48 -13.16
CA ASN A 158 -0.42 16.85 -13.65
C ASN A 158 -1.78 17.45 -13.33
N ASN A 159 -2.78 16.64 -12.96
CA ASN A 159 -4.15 17.15 -12.83
C ASN A 159 -4.87 16.77 -11.55
N ASN A 160 -4.56 15.60 -10.99
CA ASN A 160 -5.38 15.05 -9.93
C ASN A 160 -4.58 14.85 -8.65
N LEU A 161 -3.45 15.53 -8.53
CA LEU A 161 -2.60 15.44 -7.35
C LEU A 161 -2.57 16.80 -6.65
N ALA A 162 -2.84 16.82 -5.36
CA ALA A 162 -2.75 18.05 -4.58
C ALA A 162 -1.33 18.62 -4.61
N LEU A 163 -1.22 19.94 -4.67
CA LEU A 163 0.05 20.56 -4.35
C LEU A 163 0.41 20.16 -2.93
N GLY A 164 1.66 19.71 -2.73
CA GLY A 164 2.07 19.14 -1.48
C GLY A 164 1.90 17.64 -1.40
N GLY A 165 1.17 17.05 -2.37
CA GLY A 165 0.96 15.61 -2.35
C GLY A 165 2.18 14.85 -2.84
N SER A 166 2.14 13.52 -2.66
CA SER A 166 3.30 12.72 -3.01
C SER A 166 2.89 11.47 -3.76
N VAL A 167 3.89 10.83 -4.39
CA VAL A 167 3.65 9.61 -5.16
C VAL A 167 4.80 8.64 -4.88
N ALA A 168 4.49 7.35 -5.01
CA ALA A 168 5.45 6.26 -4.94
C ALA A 168 5.04 5.28 -6.01
N ILE A 169 5.82 5.18 -7.09
CA ILE A 169 5.39 4.46 -8.29
C ILE A 169 6.44 3.41 -8.64
N LYS A 170 6.00 2.15 -8.70
CA LYS A 170 6.92 1.05 -8.95
C LYS A 170 7.46 1.10 -10.36
N ILE A 171 8.78 0.96 -10.48
CA ILE A 171 9.43 0.78 -11.77
C ILE A 171 10.40 -0.39 -11.65
N THR A 172 10.86 -0.87 -12.80
CA THR A 172 11.90 -1.89 -12.85
C THR A 172 12.86 -1.51 -13.95
N GLU A 173 13.79 -2.42 -14.25
CA GLU A 173 14.72 -2.17 -15.34
C GLU A 173 13.96 -1.92 -16.65
N HIS A 174 12.93 -2.72 -16.92
CA HIS A 174 12.22 -2.64 -18.19
C HIS A 174 10.84 -1.98 -18.12
N SER A 175 10.30 -1.77 -16.93
CA SER A 175 9.03 -1.09 -16.76
C SER A 175 9.31 0.31 -16.22
N TRP A 176 9.33 1.29 -17.11
CA TRP A 176 9.74 2.64 -16.71
C TRP A 176 9.33 3.59 -17.83
N SER A 177 9.46 4.88 -17.55
CA SER A 177 8.88 5.90 -18.42
C SER A 177 9.68 7.17 -18.31
N VAL A 178 10.15 7.67 -19.46
CA VAL A 178 10.85 8.95 -19.53
C VAL A 178 10.01 10.03 -18.88
N GLU A 179 8.74 10.12 -19.29
CA GLU A 179 7.87 11.19 -18.82
C GLU A 179 7.73 11.17 -17.30
N LEU A 180 7.61 9.98 -16.71
CA LEU A 180 7.46 9.95 -15.25
C LEU A 180 8.73 10.46 -14.54
N TYR A 181 9.92 10.07 -15.02
CA TYR A 181 11.15 10.60 -14.43
C TYR A 181 11.16 12.12 -14.50
N GLU A 182 10.80 12.67 -15.65
CA GLU A 182 10.85 14.12 -15.79
C GLU A 182 9.85 14.81 -14.86
N LEU A 183 8.69 14.18 -14.61
CA LEU A 183 7.70 14.76 -13.68
C LEU A 183 8.23 14.83 -12.26
N MET A 184 9.19 13.97 -11.91
CA MET A 184 9.79 14.09 -10.58
C MET A 184 10.39 15.48 -10.36
N GLY A 185 10.76 16.16 -11.45
CA GLY A 185 11.31 17.52 -11.35
C GLY A 185 10.31 18.56 -10.88
N LYS A 186 9.04 18.20 -10.78
CA LYS A 186 7.99 19.10 -10.33
C LYS A 186 7.65 18.89 -8.87
N PHE A 187 8.40 18.05 -8.17
CA PHE A 187 8.25 17.88 -6.73
C PHE A 187 9.39 18.60 -6.02
N ALA A 188 9.20 18.83 -4.72
CA ALA A 188 10.25 19.48 -3.97
C ALA A 188 11.47 18.57 -3.82
N TRP A 189 11.26 17.26 -3.83
CA TRP A 189 12.33 16.28 -3.65
C TRP A 189 11.87 14.98 -4.29
N TRP A 190 12.82 14.18 -4.78
CA TRP A 190 12.48 12.91 -5.40
C TRP A 190 13.64 11.93 -5.21
N THR A 191 13.34 10.64 -5.36
CA THR A 191 14.40 9.63 -5.36
C THR A 191 13.84 8.36 -5.99
N VAL A 192 14.67 7.31 -6.05
CA VAL A 192 14.18 5.96 -6.27
C VAL A 192 14.54 5.16 -5.04
N PHE A 193 13.53 4.53 -4.44
CA PHE A 193 13.72 3.76 -3.22
C PHE A 193 13.59 2.27 -3.49
N CYS A 194 14.56 1.48 -3.03
CA CYS A 194 14.60 0.04 -3.23
C CYS A 194 14.51 -0.63 -1.87
N THR A 195 13.46 -1.38 -1.63
CA THR A 195 13.33 -2.07 -0.36
C THR A 195 14.42 -3.12 -0.20
N ASN A 196 14.85 -3.32 1.04
CA ASN A 196 15.75 -4.43 1.31
C ASN A 196 15.07 -5.78 1.13
N ALA A 197 13.75 -5.83 1.29
CA ALA A 197 13.04 -7.10 1.14
C ALA A 197 13.09 -7.61 -0.29
N ASN A 198 13.18 -6.71 -1.26
CA ASN A 198 13.18 -7.08 -2.67
C ASN A 198 14.44 -6.57 -3.35
N ALA A 199 15.55 -6.58 -2.61
CA ALA A 199 16.79 -5.93 -3.05
C ALA A 199 17.46 -6.64 -4.21
N SER A 200 17.17 -7.92 -4.44
CA SER A 200 17.74 -8.62 -5.59
C SER A 200 16.95 -8.41 -6.86
N SER A 201 15.93 -7.54 -6.84
CA SER A 201 15.15 -7.20 -8.01
C SER A 201 15.53 -5.81 -8.48
N SER A 202 15.43 -5.59 -9.80
CA SER A 202 15.65 -4.25 -10.35
C SER A 202 14.52 -3.29 -9.99
N GLU A 203 13.46 -3.81 -9.35
CA GLU A 203 12.39 -2.97 -8.84
C GLU A 203 12.92 -1.81 -8.02
N GLY A 204 12.27 -0.66 -8.18
CA GLY A 204 12.42 0.43 -7.24
C GLY A 204 11.14 1.22 -7.26
N PHE A 205 10.98 2.07 -6.27
CA PHE A 205 9.81 2.95 -6.16
C PHE A 205 10.25 4.38 -6.44
N LEU A 206 9.81 4.91 -7.58
CA LEU A 206 10.07 6.30 -7.88
C LEU A 206 9.22 7.16 -6.96
N LEU A 207 9.88 7.96 -6.11
CA LEU A 207 9.21 8.79 -5.11
C LEU A 207 9.26 10.25 -5.52
N GLY A 208 8.10 10.88 -5.62
CA GLY A 208 8.05 12.32 -5.72
C GLY A 208 7.42 12.84 -4.44
N ILE A 209 8.16 13.62 -3.65
CA ILE A 209 7.67 14.10 -2.36
C ILE A 209 7.34 15.60 -2.46
N ASN A 210 6.07 15.92 -2.22
CA ASN A 210 5.55 17.30 -2.13
C ASN A 210 5.47 17.94 -3.51
N TYR A 211 4.34 17.73 -4.19
CA TYR A 211 4.15 18.22 -5.55
C TYR A 211 4.05 19.75 -5.59
N LEU A 212 4.85 20.39 -6.45
CA LEU A 212 4.84 21.85 -6.58
C LEU A 212 4.16 22.33 -7.86
N GLY A 213 3.88 21.46 -8.82
CA GLY A 213 3.20 21.93 -10.02
C GLY A 213 4.08 22.77 -10.92
N THR A 214 5.37 22.87 -10.62
CA THR A 214 6.27 23.73 -11.36
C THR A 214 7.62 23.03 -11.40
N ILE A 215 8.40 23.33 -12.43
CA ILE A 215 9.65 22.62 -12.68
C ILE A 215 10.73 23.14 -11.73
N LYS A 216 11.08 22.31 -10.75
CA LYS A 216 12.16 22.63 -9.81
C LYS A 216 13.50 22.08 -10.29
N GLU A 217 13.49 20.94 -10.96
CA GLU A 217 14.70 20.33 -11.49
C GLU A 217 14.41 19.88 -12.90
N ASN A 218 15.27 20.30 -13.83
CA ASN A 218 15.18 19.82 -15.21
C ASN A 218 15.84 18.46 -15.29
N ILE A 219 15.07 17.45 -15.68
CA ILE A 219 15.52 16.06 -15.66
C ILE A 219 15.43 15.53 -17.08
N ASP A 220 16.50 14.90 -17.54
CA ASP A 220 16.47 14.11 -18.78
C ASP A 220 16.07 12.69 -18.37
N GLY A 221 14.83 12.30 -18.72
CA GLY A 221 14.26 11.09 -18.16
C GLY A 221 14.98 9.83 -18.58
N GLY A 222 15.34 9.73 -19.87
CA GLY A 222 16.03 8.55 -20.35
C GLY A 222 17.44 8.45 -19.77
N ALA A 223 18.13 9.59 -19.67
CA ALA A 223 19.41 9.62 -18.97
C ALA A 223 19.25 9.22 -17.51
N MET A 224 18.14 9.56 -16.87
CA MET A 224 18.06 9.27 -15.44
C MET A 224 17.80 7.79 -15.17
N HIS A 225 17.03 7.12 -16.05
CA HIS A 225 16.88 5.68 -15.91
C HIS A 225 18.23 5.00 -16.08
N ALA A 226 19.07 5.53 -16.97
CA ALA A 226 20.41 4.97 -17.12
C ALA A 226 21.21 5.16 -15.83
N ASN A 227 21.03 6.32 -15.17
CA ASN A 227 21.67 6.58 -13.88
C ASN A 227 21.14 5.65 -12.79
N TYR A 228 19.84 5.36 -12.81
CA TYR A 228 19.28 4.44 -11.83
C TYR A 228 19.86 3.05 -11.97
N ILE A 229 19.97 2.57 -13.21
CA ILE A 229 20.55 1.25 -13.42
C ILE A 229 22.03 1.24 -13.05
N PHE A 230 22.76 2.31 -13.40
CA PHE A 230 24.16 2.43 -13.00
C PHE A 230 24.30 2.34 -11.48
N TRP A 231 23.39 3.00 -10.75
CA TRP A 231 23.37 2.92 -9.29
C TRP A 231 23.10 1.48 -8.82
N ARG A 232 22.05 0.85 -9.34
CA ARG A 232 21.80 -0.54 -8.96
C ARG A 232 23.03 -1.41 -9.28
N ASN A 233 23.67 -1.19 -10.43
CA ASN A 233 24.81 -2.05 -10.76
C ASN A 233 26.03 -1.76 -9.88
N SER A 234 26.08 -0.59 -9.23
CA SER A 234 27.21 -0.15 -8.43
C SER A 234 27.04 -0.38 -6.93
N THR A 235 25.89 -0.85 -6.46
CA THR A 235 25.53 -0.73 -5.05
C THR A 235 25.14 -2.07 -4.47
N PRO A 236 26.01 -2.73 -3.72
CA PRO A 236 25.61 -3.92 -2.99
C PRO A 236 24.39 -3.65 -2.13
N MET A 237 23.38 -4.52 -2.24
CA MET A 237 22.21 -4.47 -1.38
C MET A 237 21.90 -5.88 -0.90
N ASN A 238 21.94 -6.08 0.42
CA ASN A 238 21.66 -7.39 0.98
C ASN A 238 20.17 -7.52 1.26
N LEU A 239 19.61 -8.66 0.89
CA LEU A 239 18.23 -8.95 1.27
C LEU A 239 18.13 -8.90 2.79
N SER A 240 17.10 -8.23 3.28
CA SER A 240 16.99 -8.10 4.73
C SER A 240 15.63 -7.54 5.08
N THR A 241 15.15 -7.92 6.27
CA THR A 241 13.95 -7.30 6.82
C THR A 241 14.16 -6.93 8.28
N TYR A 242 15.41 -6.66 8.68
CA TYR A 242 15.71 -6.27 10.05
C TYR A 242 14.92 -5.04 10.48
N SER A 243 14.66 -4.12 9.55
CA SER A 243 13.91 -2.90 9.86
C SER A 243 12.52 -3.22 10.40
N LEU A 244 11.98 -4.41 10.10
CA LEU A 244 10.68 -4.80 10.60
C LEU A 244 10.74 -5.47 11.96
N PHE A 245 11.92 -5.50 12.59
CA PHE A 245 12.04 -6.16 13.88
C PHE A 245 11.43 -5.31 14.98
N ASP A 246 11.52 -3.98 14.85
CA ASP A 246 10.94 -3.05 15.80
C ASP A 246 9.90 -2.18 15.08
N LEU A 247 8.62 -2.47 15.31
CA LEU A 247 7.53 -1.76 14.65
C LEU A 247 6.83 -0.80 15.59
N SER A 248 7.51 -0.34 16.64
CA SER A 248 6.84 0.46 17.66
C SER A 248 6.45 1.84 17.12
N LYS A 249 7.18 2.36 16.13
CA LYS A 249 6.88 3.65 15.53
C LYS A 249 6.53 3.50 14.06
N PHE A 250 5.87 2.41 13.69
CA PHE A 250 5.62 2.17 12.27
C PHE A 250 4.57 3.12 11.70
N GLN A 251 3.52 3.42 12.47
CA GLN A 251 2.37 4.16 11.95
C GLN A 251 2.77 5.56 11.49
N LEU A 252 2.08 6.04 10.45
CA LEU A 252 2.39 7.36 9.92
C LEU A 252 2.05 8.45 10.95
N LYS A 253 2.95 9.41 11.09
CA LYS A 253 2.74 10.48 12.05
C LYS A 253 1.46 11.24 11.73
N LEU A 254 0.66 11.52 12.77
CA LEU A 254 -0.61 12.26 12.65
C LEU A 254 -0.31 13.76 12.63
N LYS A 255 0.13 14.26 11.47
CA LYS A 255 0.64 15.62 11.40
C LYS A 255 -0.46 16.68 11.41
N GLY A 256 -1.70 16.32 11.11
CA GLY A 256 -2.75 17.33 11.00
C GLY A 256 -2.47 18.39 9.97
N THR A 257 -1.89 18.00 8.83
CA THR A 257 -1.51 18.95 7.79
C THR A 257 -2.72 19.72 7.27
N PRO A 258 -2.66 21.05 7.22
CA PRO A 258 -3.82 21.81 6.73
C PRO A 258 -4.01 21.69 5.23
N VAL A 259 -5.27 21.78 4.81
CA VAL A 259 -5.67 21.78 3.40
C VAL A 259 -6.24 23.17 3.09
N LEU A 260 -5.69 23.85 2.10
CA LEU A 260 -6.09 25.20 1.77
C LEU A 260 -6.44 25.30 0.28
N GLN A 261 -7.39 26.17 -0.06
CA GLN A 261 -7.66 26.48 -1.45
C GLN A 261 -7.05 27.85 -1.76
N LEU A 262 -6.21 27.90 -2.78
CA LEU A 262 -5.58 29.13 -3.25
C LEU A 262 -5.58 29.13 -4.77
N LYS A 263 -5.69 30.32 -5.33
CA LYS A 263 -5.45 30.52 -6.75
C LYS A 263 -3.96 30.53 -7.04
N GLU A 264 -3.62 30.18 -8.29
CA GLU A 264 -2.22 30.17 -8.72
C GLU A 264 -1.57 31.50 -8.45
N SER A 265 -2.30 32.59 -8.66
CA SER A 265 -1.77 33.93 -8.45
C SER A 265 -1.35 34.17 -7.00
N GLN A 266 -1.95 33.44 -6.06
CA GLN A 266 -1.67 33.64 -4.64
C GLN A 266 -0.52 32.80 -4.12
N ILE A 267 -0.08 31.81 -4.89
CA ILE A 267 0.98 30.92 -4.45
C ILE A 267 2.32 31.65 -4.50
N ASN A 268 2.78 32.12 -3.34
CA ASN A 268 3.96 32.95 -3.21
C ASN A 268 5.12 32.15 -2.57
N GLU A 269 6.16 32.88 -2.16
CA GLU A 269 7.32 32.25 -1.56
C GLU A 269 6.95 31.46 -0.30
N LEU A 270 6.13 32.07 0.56
CA LEU A 270 5.72 31.41 1.80
C LEU A 270 5.00 30.09 1.49
N VAL A 271 4.08 30.11 0.54
CA VAL A 271 3.30 28.89 0.26
C VAL A 271 4.20 27.79 -0.28
N ILE A 272 5.04 28.13 -1.27
CA ILE A 272 5.96 27.15 -1.84
C ILE A 272 6.83 26.56 -0.74
N SER A 273 7.32 27.42 0.16
CA SER A 273 8.12 26.91 1.27
C SER A 273 7.31 25.95 2.15
N LEU A 274 6.06 26.28 2.46
CA LEU A 274 5.26 25.37 3.30
C LEU A 274 4.99 24.06 2.57
N LEU A 275 4.64 24.14 1.28
CA LEU A 275 4.44 22.93 0.49
C LEU A 275 5.69 22.06 0.45
N SER A 276 6.86 22.71 0.31
CA SER A 276 8.12 21.97 0.20
C SER A 276 8.54 21.30 1.50
N GLN A 277 8.07 21.80 2.65
CA GLN A 277 8.40 21.21 3.94
C GLN A 277 7.37 20.19 4.40
N GLY A 278 6.38 19.88 3.57
CA GLY A 278 5.38 18.94 4.02
C GLY A 278 4.36 19.53 4.95
N LYS A 279 4.23 20.85 5.00
CA LYS A 279 3.40 21.50 5.99
C LYS A 279 2.08 22.00 5.44
N LEU A 280 1.78 21.72 4.17
CA LEU A 280 0.59 22.28 3.56
C LEU A 280 0.21 21.45 2.35
N LEU A 281 -1.11 21.34 2.14
CA LEU A 281 -1.66 20.86 0.89
C LEU A 281 -2.53 21.95 0.29
N ILE A 282 -2.55 22.05 -1.04
CA ILE A 282 -3.49 22.92 -1.73
C ILE A 282 -4.35 22.06 -2.64
N ARG A 283 -5.65 22.04 -2.37
CA ARG A 283 -6.62 21.28 -3.15
C ARG A 283 -8.01 21.58 -2.61
N ASP A 284 -9.03 21.02 -3.25
CA ASP A 284 -10.39 21.17 -2.78
C ASP A 284 -10.55 20.50 -1.43
N ASN A 285 -11.51 21.00 -0.65
CA ASN A 285 -11.89 20.41 0.63
C ASN A 285 -13.22 19.68 0.55
N ASP A 286 -13.68 19.37 -0.67
CA ASP A 286 -14.98 18.73 -0.88
C ASP A 286 -14.96 17.30 -0.31
N THR A 287 -15.97 16.52 -0.69
CA THR A 287 -15.99 15.10 -0.41
C THR A 287 -15.59 14.36 -1.69
N LEU A 288 -14.84 13.28 -1.52
CA LEU A 288 -14.18 12.64 -2.65
C LEU A 288 -15.15 11.78 -3.45
N SER A 289 -15.01 11.85 -4.78
CA SER A 289 -15.75 10.99 -5.69
C SER A 289 -14.75 10.31 -6.62
N VAL A 290 -14.53 9.01 -6.38
CA VAL A 290 -13.65 8.20 -7.20
C VAL A 290 -14.44 6.99 -7.66
N SER A 291 -14.67 6.89 -8.97
CA SER A 291 -15.56 5.87 -9.51
C SER A 291 -14.99 5.33 -10.82
N THR A 292 -15.52 4.19 -11.24
CA THR A 292 -15.23 3.63 -12.55
C THR A 292 -16.06 4.37 -13.61
N ASP A 293 -15.47 4.51 -14.80
CA ASP A 293 -16.21 5.05 -15.95
C ASP A 293 -16.65 3.95 -16.91
N SER B 12 -11.56 -24.17 -4.28
CA SER B 12 -12.30 -25.40 -4.04
C SER B 12 -13.34 -25.21 -2.94
N VAL B 13 -12.88 -24.98 -1.70
CA VAL B 13 -13.83 -24.69 -0.63
C VAL B 13 -14.56 -23.39 -0.92
N LEU B 14 -13.89 -22.44 -1.59
CA LEU B 14 -14.56 -21.22 -2.02
C LEU B 14 -15.66 -21.51 -3.02
N SER B 15 -15.41 -22.45 -3.94
CA SER B 15 -16.48 -22.83 -4.86
C SER B 15 -17.60 -23.56 -4.12
N LEU B 16 -17.26 -24.30 -3.06
CA LEU B 16 -18.26 -25.14 -2.40
C LEU B 16 -19.27 -24.31 -1.62
N VAL B 17 -18.84 -23.23 -0.96
CA VAL B 17 -19.78 -22.40 -0.22
C VAL B 17 -20.69 -21.62 -1.14
N ASN B 18 -20.50 -21.69 -2.45
CA ASN B 18 -21.44 -21.16 -3.41
C ASN B 18 -22.58 -22.14 -3.73
N PHE B 19 -22.55 -23.36 -3.20
CA PHE B 19 -23.52 -24.39 -3.50
C PHE B 19 -24.49 -24.64 -2.34
N THR B 20 -24.72 -23.63 -1.51
CA THR B 20 -25.50 -23.83 -0.28
C THR B 20 -26.06 -22.49 0.19
N VAL B 21 -27.06 -22.57 1.08
CA VAL B 21 -27.65 -21.40 1.72
C VAL B 21 -27.14 -21.18 3.13
N ASP B 22 -26.24 -22.03 3.62
CA ASP B 22 -25.57 -21.82 4.89
C ASP B 22 -24.06 -21.91 4.68
N PRO B 23 -23.45 -20.88 4.08
CA PRO B 23 -22.00 -20.93 3.83
C PRO B 23 -21.19 -21.12 5.10
N GLN B 24 -21.62 -20.54 6.22
CA GLN B 24 -20.90 -20.75 7.48
C GLN B 24 -20.86 -22.23 7.84
N LYS B 25 -22.01 -22.90 7.83
CA LYS B 25 -22.04 -24.32 8.16
C LYS B 25 -21.26 -25.14 7.14
N ALA B 26 -21.42 -24.79 5.86
CA ALA B 26 -20.69 -25.48 4.80
C ALA B 26 -19.19 -25.42 5.05
N TYR B 27 -18.66 -24.22 5.33
CA TYR B 27 -17.23 -24.11 5.58
C TYR B 27 -16.81 -24.89 6.82
N LEU B 28 -17.57 -24.76 7.90
CA LEU B 28 -17.17 -25.39 9.15
C LEU B 28 -17.26 -26.92 9.06
N ASP B 29 -18.35 -27.43 8.49
CA ASP B 29 -18.44 -28.87 8.25
C ASP B 29 -17.30 -29.34 7.34
N PHE B 30 -16.90 -28.51 6.39
CA PHE B 30 -15.84 -28.88 5.47
C PHE B 30 -14.51 -29.02 6.21
N VAL B 31 -14.14 -28.02 7.01
CA VAL B 31 -12.88 -28.10 7.74
C VAL B 31 -12.97 -29.10 8.90
N ASN B 32 -14.14 -29.25 9.52
CA ASN B 32 -14.27 -30.23 10.59
C ASN B 32 -14.14 -31.66 10.07
N ALA B 33 -14.32 -31.87 8.76
CA ALA B 33 -14.21 -33.19 8.16
C ALA B 33 -12.85 -33.41 7.51
N GLY B 34 -11.87 -32.54 7.78
CA GLY B 34 -10.53 -32.70 7.27
C GLY B 34 -10.18 -31.85 6.07
N GLY B 35 -11.11 -31.03 5.58
CA GLY B 35 -10.82 -30.20 4.43
C GLY B 35 -9.78 -29.14 4.75
N ALA B 36 -9.04 -28.74 3.72
CA ALA B 36 -7.99 -27.77 3.93
C ALA B 36 -8.58 -26.39 4.23
N PRO B 37 -8.25 -25.77 5.35
CA PRO B 37 -8.70 -24.39 5.60
C PRO B 37 -8.30 -23.46 4.47
N LEU B 38 -9.10 -22.41 4.30
CA LEU B 38 -8.75 -21.37 3.33
C LEU B 38 -7.40 -20.77 3.68
N THR B 39 -6.56 -20.59 2.68
CA THR B 39 -5.22 -20.04 2.88
C THR B 39 -5.18 -18.60 2.38
N ASN B 40 -3.98 -18.01 2.44
CA ASN B 40 -3.71 -16.66 1.98
C ASN B 40 -4.44 -15.60 2.79
N CYS B 41 -4.83 -15.90 4.02
CA CYS B 41 -5.26 -14.84 4.90
C CYS B 41 -4.09 -13.87 5.08
N VAL B 42 -4.39 -12.58 5.17
CA VAL B 42 -3.34 -11.54 5.16
C VAL B 42 -2.88 -11.35 6.61
N LYS B 43 -1.82 -12.08 6.99
CA LYS B 43 -1.27 -11.96 8.34
C LYS B 43 -0.33 -10.77 8.40
N MET B 44 -0.60 -9.84 9.31
CA MET B 44 0.18 -8.63 9.47
C MET B 44 1.38 -8.88 10.38
N LEU B 45 2.42 -8.07 10.20
CA LEU B 45 3.52 -7.99 11.16
C LEU B 45 3.21 -6.86 12.15
N THR B 46 3.36 -7.15 13.44
CA THR B 46 2.84 -6.20 14.41
C THR B 46 3.67 -6.27 15.68
N PRO B 47 3.75 -5.16 16.44
CA PRO B 47 4.32 -5.26 17.79
C PRO B 47 3.28 -5.91 18.69
N LYS B 48 3.65 -7.01 19.31
CA LYS B 48 2.65 -7.70 20.12
C LYS B 48 2.37 -6.91 21.40
N THR B 49 1.93 -5.65 21.26
CA THR B 49 1.66 -4.79 22.42
C THR B 49 0.26 -4.21 22.40
N GLY B 50 -0.69 -4.84 21.71
CA GLY B 50 -2.02 -4.30 21.60
C GLY B 50 -2.92 -4.65 22.78
N THR B 51 -4.14 -4.12 22.74
CA THR B 51 -5.13 -4.38 23.78
C THR B 51 -5.64 -5.81 23.72
N GLY B 52 -5.69 -6.40 22.53
CA GLY B 52 -6.15 -7.76 22.37
C GLY B 52 -7.62 -7.94 22.05
N ILE B 53 -8.35 -6.85 21.80
CA ILE B 53 -9.75 -6.98 21.37
C ILE B 53 -9.83 -7.76 20.05
N ALA B 54 -11.04 -8.23 19.76
CA ALA B 54 -11.26 -9.09 18.60
C ALA B 54 -11.01 -8.34 17.29
N ILE B 55 -11.72 -7.22 17.11
CA ILE B 55 -11.74 -6.47 15.86
C ILE B 55 -11.38 -5.02 16.17
N SER B 56 -10.45 -4.44 15.42
CA SER B 56 -9.88 -3.17 15.81
C SER B 56 -9.50 -2.38 14.56
N VAL B 57 -9.44 -1.05 14.72
CA VAL B 57 -9.09 -0.19 13.59
C VAL B 57 -7.62 -0.34 13.24
N LYS B 58 -6.77 -0.52 14.24
CA LYS B 58 -5.37 -0.82 14.04
C LYS B 58 -5.08 -2.18 14.64
N PRO B 59 -3.98 -2.82 14.23
CA PRO B 59 -3.59 -4.09 14.86
C PRO B 59 -3.48 -3.94 16.38
N GLU B 60 -4.02 -4.92 17.11
CA GLU B 60 -4.06 -4.91 18.57
C GLU B 60 -3.66 -6.26 19.16
N SER B 61 -2.94 -7.09 18.41
CA SER B 61 -2.59 -8.41 18.88
C SER B 61 -1.72 -8.33 20.12
N THR B 62 -2.01 -9.21 21.09
CA THR B 62 -1.13 -9.42 22.23
C THR B 62 -0.07 -10.44 21.86
N ALA B 63 0.75 -10.80 22.85
CA ALA B 63 1.81 -11.77 22.60
C ALA B 63 1.25 -13.16 22.30
N ASP B 64 -0.03 -13.39 22.61
CA ASP B 64 -0.69 -14.66 22.34
C ASP B 64 -1.61 -14.60 21.13
N GLN B 65 -1.42 -13.62 20.24
CA GLN B 65 -2.32 -13.46 19.11
C GLN B 65 -1.53 -13.09 17.86
N GLU B 66 -2.18 -13.28 16.71
CA GLU B 66 -1.74 -12.72 15.43
C GLU B 66 -2.86 -11.83 14.89
N THR B 67 -2.48 -10.80 14.12
CA THR B 67 -3.44 -9.87 13.54
C THR B 67 -3.56 -10.14 12.05
N TYR B 68 -4.79 -10.15 11.55
CA TYR B 68 -5.05 -10.34 10.13
C TYR B 68 -5.84 -9.17 9.56
N GLY B 69 -5.58 -8.84 8.30
CA GLY B 69 -6.44 -7.93 7.57
C GLY B 69 -7.85 -8.52 7.53
N GLY B 70 -8.86 -7.71 7.85
CA GLY B 70 -10.19 -8.26 8.12
C GLY B 70 -10.84 -8.91 6.91
N ALA B 71 -10.79 -8.24 5.75
CA ALA B 71 -11.42 -8.80 4.56
C ALA B 71 -10.91 -10.21 4.26
N SER B 72 -9.60 -10.43 4.45
CA SER B 72 -9.02 -11.71 4.07
C SER B 72 -9.42 -12.87 4.98
N VAL B 73 -9.96 -12.59 6.18
CA VAL B 73 -10.44 -13.67 7.04
C VAL B 73 -11.97 -13.75 7.06
N CYS B 74 -12.63 -12.99 6.19
CA CYS B 74 -14.08 -13.04 6.08
C CYS B 74 -14.48 -13.99 4.96
N LEU B 75 -15.22 -15.06 5.31
CA LEU B 75 -15.68 -16.01 4.30
C LEU B 75 -16.50 -15.33 3.21
N TYR B 76 -17.37 -14.41 3.60
CA TYR B 76 -18.25 -13.75 2.64
C TYR B 76 -17.45 -12.86 1.70
N CYS B 77 -16.49 -12.11 2.23
CA CYS B 77 -15.59 -11.32 1.38
C CYS B 77 -14.84 -12.21 0.40
N ARG B 78 -14.13 -13.21 0.94
CA ARG B 78 -13.27 -14.05 0.12
C ARG B 78 -14.06 -14.75 -0.99
N ALA B 79 -15.26 -15.22 -0.68
CA ALA B 79 -16.06 -15.97 -1.65
C ALA B 79 -16.99 -15.09 -2.46
N HIS B 80 -16.98 -13.77 -2.25
CA HIS B 80 -17.79 -12.84 -3.04
C HIS B 80 -19.27 -13.21 -2.97
N ILE B 81 -19.76 -13.48 -1.77
CA ILE B 81 -21.17 -13.77 -1.53
C ILE B 81 -21.73 -12.78 -0.53
N GLU B 82 -23.06 -12.77 -0.40
CA GLU B 82 -23.73 -11.78 0.43
C GLU B 82 -23.29 -11.88 1.88
N HIS B 83 -22.97 -10.74 2.46
CA HIS B 83 -22.69 -10.68 3.87
C HIS B 83 -24.01 -10.89 4.65
N PRO B 84 -24.00 -11.68 5.71
CA PRO B 84 -25.26 -12.03 6.38
C PRO B 84 -25.78 -10.99 7.36
N ASP B 85 -25.01 -9.95 7.68
CA ASP B 85 -25.43 -8.96 8.65
C ASP B 85 -26.74 -8.30 8.22
N VAL B 86 -27.42 -7.69 9.18
CA VAL B 86 -28.71 -7.04 8.91
C VAL B 86 -28.52 -5.93 7.88
N SER B 87 -27.51 -5.10 8.08
CA SER B 87 -27.10 -4.18 7.02
C SER B 87 -26.31 -4.96 5.99
N GLY B 88 -25.61 -4.27 5.10
CA GLY B 88 -24.76 -4.98 4.17
C GLY B 88 -23.30 -4.68 4.45
N VAL B 89 -22.92 -4.76 5.72
CA VAL B 89 -21.60 -4.31 6.15
C VAL B 89 -20.85 -5.45 6.81
N CYS B 90 -19.73 -5.83 6.21
CA CYS B 90 -18.79 -6.70 6.89
C CYS B 90 -18.33 -6.09 8.21
N LYS B 91 -18.32 -6.92 9.25
CA LYS B 91 -17.74 -6.54 10.53
C LYS B 91 -16.22 -6.48 10.47
N TYR B 92 -15.59 -7.15 9.50
CA TYR B 92 -14.13 -7.27 9.43
C TYR B 92 -13.49 -6.36 8.40
N LYS B 93 -14.15 -6.17 7.27
CA LYS B 93 -13.53 -5.53 6.13
C LYS B 93 -13.13 -4.10 6.50
N GLY B 94 -11.92 -3.71 6.13
CA GLY B 94 -11.38 -2.41 6.48
C GLY B 94 -10.84 -2.32 7.90
N LYS B 95 -10.90 -3.42 8.66
CA LYS B 95 -10.41 -3.46 10.02
C LYS B 95 -9.42 -4.60 10.15
N PHE B 96 -8.91 -4.78 11.37
CA PHE B 96 -8.00 -5.87 11.68
C PHE B 96 -8.65 -6.81 12.68
N VAL B 97 -8.39 -8.10 12.52
CA VAL B 97 -9.02 -9.14 13.33
C VAL B 97 -7.91 -9.87 14.07
N GLN B 98 -7.98 -9.88 15.39
CA GLN B 98 -7.02 -10.64 16.17
C GLN B 98 -7.47 -12.09 16.32
N ILE B 99 -6.55 -13.00 16.09
CA ILE B 99 -6.80 -14.45 16.17
C ILE B 99 -5.92 -15.00 17.25
N PRO B 100 -6.41 -15.87 18.14
CA PRO B 100 -5.52 -16.58 19.06
C PRO B 100 -4.40 -17.27 18.29
N ALA B 101 -3.19 -17.20 18.84
CA ALA B 101 -2.04 -17.78 18.14
C ALA B 101 -2.19 -19.29 17.93
N GLN B 102 -2.90 -19.98 18.83
CA GLN B 102 -3.08 -21.42 18.64
C GLN B 102 -4.03 -21.76 17.49
N CYS B 103 -4.74 -20.77 16.93
CA CYS B 103 -5.76 -21.03 15.94
C CYS B 103 -5.40 -20.50 14.56
N VAL B 104 -4.12 -20.16 14.33
CA VAL B 104 -3.74 -19.54 13.07
C VAL B 104 -3.81 -20.49 11.88
N ARG B 105 -4.03 -21.78 12.09
CA ARG B 105 -4.11 -22.69 10.95
C ARG B 105 -5.39 -22.48 10.14
N ASP B 106 -6.42 -21.90 10.75
CA ASP B 106 -7.70 -21.66 10.06
C ASP B 106 -8.33 -20.41 10.66
N PRO B 107 -7.82 -19.23 10.31
CA PRO B 107 -8.44 -17.98 10.80
C PRO B 107 -9.89 -17.83 10.39
N VAL B 108 -10.25 -18.21 9.16
CA VAL B 108 -11.64 -18.04 8.71
C VAL B 108 -12.58 -18.90 9.55
N GLY B 109 -12.20 -20.15 9.77
CA GLY B 109 -13.01 -21.01 10.61
C GLY B 109 -13.14 -20.46 12.02
N PHE B 110 -12.07 -19.91 12.57
CA PHE B 110 -12.17 -19.35 13.93
C PHE B 110 -13.15 -18.20 13.96
N CYS B 111 -13.13 -17.33 12.94
CA CYS B 111 -14.05 -16.20 12.92
C CYS B 111 -15.49 -16.66 12.75
N LEU B 112 -15.72 -17.72 11.98
CA LEU B 112 -17.08 -18.26 11.82
C LEU B 112 -17.57 -18.96 13.07
N SER B 113 -16.67 -19.40 13.94
CA SER B 113 -17.04 -20.21 15.11
C SER B 113 -17.09 -19.39 16.39
N ASN B 114 -16.85 -18.10 16.34
CA ASN B 114 -16.70 -17.32 17.56
C ASN B 114 -17.36 -15.96 17.38
N THR B 115 -17.58 -15.29 18.51
CA THR B 115 -18.28 -14.01 18.58
C THR B 115 -17.62 -13.16 19.67
N PRO B 116 -17.37 -11.89 19.39
CA PRO B 116 -16.85 -11.00 20.43
C PRO B 116 -17.90 -10.61 21.46
N CYS B 117 -17.44 -10.43 22.70
CA CYS B 117 -18.25 -9.87 23.78
C CYS B 117 -19.03 -8.63 23.31
N ASN B 118 -20.31 -8.59 23.65
CA ASN B 118 -21.11 -7.44 23.27
C ASN B 118 -20.73 -6.21 24.09
N VAL B 119 -20.42 -6.39 25.38
CA VAL B 119 -20.01 -5.24 26.18
C VAL B 119 -18.51 -5.02 26.06
N CYS B 120 -17.74 -6.11 26.04
CA CYS B 120 -16.31 -6.09 26.28
C CYS B 120 -15.44 -6.08 25.02
N GLN B 121 -15.98 -6.47 23.87
CA GLN B 121 -15.40 -6.49 22.53
C GLN B 121 -14.28 -7.53 22.39
N TYR B 122 -13.90 -8.26 23.44
CA TYR B 122 -12.96 -9.35 23.25
C TYR B 122 -13.71 -10.61 22.84
N TRP B 123 -12.98 -11.56 22.25
CA TRP B 123 -13.57 -12.84 21.91
C TRP B 123 -14.10 -13.55 23.15
N ILE B 124 -15.30 -14.12 23.04
CA ILE B 124 -15.87 -14.92 24.11
C ILE B 124 -15.13 -16.24 24.20
N GLY B 125 -14.74 -16.62 25.41
CA GLY B 125 -13.81 -17.72 25.59
C GLY B 125 -12.37 -17.33 25.38
N TYR B 126 -12.12 -16.08 25.01
CA TYR B 126 -10.79 -15.52 24.92
C TYR B 126 -10.74 -14.11 25.52
N GLY B 127 -11.89 -13.52 25.88
CA GLY B 127 -11.98 -12.34 26.71
C GLY B 127 -13.13 -12.41 27.71
N CYS B 128 -14.32 -11.96 27.30
CA CYS B 128 -15.50 -11.82 28.17
C CYS B 128 -15.64 -12.93 29.22
#